data_3UL0
#
_entry.id   3UL0
#
_cell.length_a   78.691
_cell.length_b   89.898
_cell.length_c   99.792
_cell.angle_alpha   90.00
_cell.angle_beta   90.00
_cell.angle_gamma   90.00
#
_symmetry.space_group_name_H-M   'P 21 21 21'
#
loop_
_entity.id
_entity.type
_entity.pdbx_description
1 polymer 'Importin subunit alpha-2'
2 polymer 'Nuclear cap-binding protein subunit 1'
3 water water
#
loop_
_entity_poly.entity_id
_entity_poly.type
_entity_poly.pdbx_seq_one_letter_code
_entity_poly.pdbx_strand_id
1 'polypeptide(L)'
;MHHHHHHSSGLVPRGSGMLETAAALFERNHMDSPDLGTDDDDLAMADIGSNQGTVNWSVEDIVKGINSNNLESQLQATQA
ARKLLSREKQPPIDNIIRAGLIPKFVSFLGKTDCSPIQFESAWALTNIASGTSEQTKAVVDGGAIPAFISLLASPHAHIS
EQAVWALGNIAGDGSAFRDLVIKHGAIDPLLALLAVPDLSTLACGYLRNLTWTLSNLCRNKNPAPPLDAVEQILPTLVRL
LHHNDPEVLADSCWAISYLTDGPNERIEMVVKKGVVPQLVKLLGATELPIVTPALRAIGNIVTGTDEQTQKVIDAGALAV
FPSLLTNPKTNIQKEATWTMSNITAGRQDQIQQVVNHGLVPFLVGVLSKADFKTQKEAAWAITNYTSGGTVEQIVYLVHC
GIIEPLMNLLSAKDTKIIQVILDAISNIFQAAEKLGETEKLSIMIEECGGLDKIEALQRHENESVYKASLNLIEKYFSVE
EEEDQNVVPETTSEGFAFQVQDGAPGTFNF
;
B
2 'polypeptide(L)' GSMSRRRHSDENDGGQPHKRRKTSD C
#
# COMPACT_ATOMS: atom_id res chain seq x y z
N GLN A 52 35.91 20.10 6.03
CA GLN A 52 36.44 20.04 7.40
C GLN A 52 35.96 21.20 8.27
N GLY A 53 35.74 22.36 7.66
CA GLY A 53 35.37 23.57 8.37
C GLY A 53 34.08 23.48 9.17
N THR A 54 33.06 22.86 8.58
CA THR A 54 31.77 22.73 9.25
C THR A 54 31.48 21.29 9.71
N VAL A 55 32.53 20.47 9.81
CA VAL A 55 32.34 19.07 10.23
C VAL A 55 32.44 18.86 11.74
N ASN A 56 31.49 18.09 12.25
CA ASN A 56 31.42 17.74 13.68
C ASN A 56 31.52 18.91 14.65
N TRP A 57 30.69 19.94 14.45
CA TRP A 57 30.58 20.98 15.45
C TRP A 57 29.76 20.46 16.62
N SER A 58 30.02 21.00 17.81
CA SER A 58 29.13 20.78 18.94
C SER A 58 27.86 21.59 18.70
N VAL A 59 26.77 21.20 19.37
CA VAL A 59 25.54 21.98 19.29
C VAL A 59 25.80 23.38 19.84
N GLU A 60 26.60 23.44 20.90
CA GLU A 60 26.97 24.71 21.51
C GLU A 60 27.55 25.68 20.49
N ASP A 61 28.47 25.19 19.66
CA ASP A 61 29.12 26.03 18.67
C ASP A 61 28.14 26.44 17.57
N ILE A 62 27.21 25.56 17.25
CA ILE A 62 26.21 25.87 16.24
C ILE A 62 25.33 27.01 16.73
N VAL A 63 24.92 26.93 17.99
CA VAL A 63 24.11 27.98 18.59
C VAL A 63 24.85 29.32 18.59
N LYS A 64 26.14 29.28 18.91
CA LYS A 64 26.91 30.52 18.99
C LYS A 64 26.94 31.23 17.63
N GLY A 65 27.19 30.46 16.57
CA GLY A 65 27.21 31.01 15.23
C GLY A 65 25.85 31.54 14.77
N ILE A 66 24.80 30.78 15.07
CA ILE A 66 23.46 31.20 14.67
C ILE A 66 22.98 32.46 15.40
N ASN A 67 23.37 32.62 16.67
CA ASN A 67 23.03 33.82 17.43
C ASN A 67 23.95 35.02 17.16
N SER A 68 24.85 34.90 16.20
CA SER A 68 25.87 35.92 15.97
C SER A 68 25.41 37.19 15.23
N ASN A 69 24.28 37.14 14.53
CA ASN A 69 23.88 38.27 13.69
C ASN A 69 24.96 38.70 12.67
N ASN A 70 25.80 37.74 12.28
CA ASN A 70 26.65 37.87 11.12
C ASN A 70 26.12 36.81 10.15
N LEU A 71 25.56 37.24 9.02
CA LEU A 71 24.86 36.29 8.15
C LEU A 71 25.77 35.15 7.69
N GLU A 72 27.03 35.45 7.41
CA GLU A 72 27.98 34.41 6.99
C GLU A 72 28.27 33.42 8.11
N SER A 73 28.45 33.93 9.32
CA SER A 73 28.63 33.08 10.50
C SER A 73 27.40 32.19 10.70
N GLN A 74 26.23 32.79 10.52
CA GLN A 74 24.98 32.03 10.62
C GLN A 74 24.90 30.94 9.56
N LEU A 75 25.30 31.26 8.33
CA LEU A 75 25.30 30.29 7.24
C LEU A 75 26.22 29.12 7.56
N GLN A 76 27.43 29.44 7.99
CA GLN A 76 28.41 28.44 8.36
C GLN A 76 27.89 27.53 9.47
N ALA A 77 27.26 28.11 10.48
CA ALA A 77 26.70 27.30 11.57
C ALA A 77 25.50 26.47 11.11
N THR A 78 24.71 27.00 10.19
CA THR A 78 23.54 26.26 9.71
C THR A 78 24.02 25.06 8.91
N GLN A 79 25.09 25.26 8.13
CA GLN A 79 25.66 24.13 7.41
C GLN A 79 26.19 23.08 8.37
N ALA A 80 26.86 23.51 9.44
CA ALA A 80 27.32 22.57 10.47
C ALA A 80 26.18 21.77 11.08
N ALA A 81 25.05 22.44 11.34
CA ALA A 81 23.86 21.75 11.83
C ALA A 81 23.37 20.73 10.81
N ARG A 82 23.35 21.14 9.55
CA ARG A 82 22.91 20.25 8.48
C ARG A 82 23.76 18.97 8.45
N LYS A 83 25.06 19.14 8.60
CA LYS A 83 25.98 18.00 8.57
C LYS A 83 25.78 17.07 9.77
N LEU A 84 25.56 17.63 10.96
CA LEU A 84 25.23 16.82 12.13
C LEU A 84 23.96 16.00 11.86
N LEU A 85 22.96 16.66 11.29
CA LEU A 85 21.65 16.07 11.07
C LEU A 85 21.63 15.12 9.88
N SER A 86 22.72 15.10 9.13
CA SER A 86 22.85 14.26 7.94
C SER A 86 23.76 13.06 8.15
N ARG A 87 24.31 12.90 9.36
CA ARG A 87 25.29 11.85 9.59
C ARG A 87 24.63 10.48 9.63
N GLU A 88 25.43 9.43 9.39
CA GLU A 88 24.90 8.07 9.25
C GLU A 88 24.15 7.60 10.49
N LYS A 89 24.76 7.80 11.67
CA LYS A 89 24.22 7.25 12.91
C LYS A 89 23.66 8.31 13.85
N GLN A 90 22.44 8.08 14.34
CA GLN A 90 21.91 8.84 15.46
C GLN A 90 22.11 10.34 15.32
N PRO A 91 21.44 10.97 14.34
CA PRO A 91 21.51 12.44 14.29
C PRO A 91 20.94 13.05 15.57
N PRO A 92 21.58 14.09 16.11
CA PRO A 92 21.15 14.66 17.39
C PRO A 92 19.95 15.59 17.24
N ILE A 93 18.85 15.05 16.75
CA ILE A 93 17.65 15.83 16.49
C ILE A 93 17.09 16.54 17.74
N ASP A 94 16.93 15.81 18.83
CA ASP A 94 16.38 16.41 20.04
C ASP A 94 17.27 17.51 20.61
N ASN A 95 18.58 17.30 20.51
CA ASN A 95 19.53 18.30 20.99
C ASN A 95 19.41 19.60 20.21
N ILE A 96 19.25 19.48 18.89
CA ILE A 96 19.02 20.63 18.04
C ILE A 96 17.68 21.30 18.39
N ILE A 97 16.65 20.50 18.61
CA ILE A 97 15.35 21.10 18.95
C ILE A 97 15.46 21.82 20.30
N ARG A 98 16.05 21.13 21.28
CA ARG A 98 16.16 21.67 22.63
C ARG A 98 16.97 22.97 22.67
N ALA A 99 17.91 23.11 21.74
CA ALA A 99 18.75 24.31 21.67
C ALA A 99 17.96 25.49 21.11
N GLY A 100 16.70 25.24 20.73
CA GLY A 100 15.83 26.30 20.24
C GLY A 100 16.12 26.77 18.83
N LEU A 101 16.71 25.90 18.02
CA LEU A 101 17.17 26.32 16.70
C LEU A 101 16.09 26.40 15.61
N ILE A 102 14.97 25.73 15.80
CA ILE A 102 13.97 25.66 14.73
C ILE A 102 13.47 27.03 14.26
N PRO A 103 13.13 27.93 15.20
CA PRO A 103 12.66 29.25 14.75
C PRO A 103 13.71 30.00 13.91
N LYS A 104 14.99 29.85 14.25
CA LYS A 104 16.05 30.46 13.45
C LYS A 104 16.09 29.85 12.07
N PHE A 105 16.11 28.52 12.00
CA PHE A 105 16.11 27.84 10.69
C PHE A 105 14.92 28.31 9.86
N VAL A 106 13.74 28.36 10.47
CA VAL A 106 12.55 28.79 9.73
C VAL A 106 12.72 30.22 9.19
N SER A 107 13.29 31.12 9.99
CA SER A 107 13.52 32.48 9.52
CA SER A 107 13.54 32.48 9.54
C SER A 107 14.47 32.48 8.32
N PHE A 108 15.47 31.61 8.35
CA PHE A 108 16.45 31.54 7.26
C PHE A 108 15.82 31.10 5.94
N LEU A 109 14.72 30.36 6.00
CA LEU A 109 14.00 29.95 4.81
C LEU A 109 13.53 31.16 4.00
N GLY A 110 13.28 32.27 4.67
CA GLY A 110 12.76 33.46 4.01
C GLY A 110 13.82 34.41 3.47
N LYS A 111 15.09 34.06 3.64
CA LYS A 111 16.17 34.95 3.20
C LYS A 111 16.49 34.80 1.72
N THR A 112 15.60 35.36 0.89
CA THR A 112 15.71 35.30 -0.56
C THR A 112 17.09 35.79 -1.01
N ASP A 113 17.62 36.76 -0.27
CA ASP A 113 18.91 37.37 -0.57
C ASP A 113 20.11 36.46 -0.34
N CYS A 114 19.93 35.38 0.43
CA CYS A 114 21.01 34.42 0.69
C CYS A 114 20.57 32.97 0.43
N SER A 115 20.53 32.57 -0.83
CA SER A 115 20.02 31.25 -1.21
C SER A 115 20.72 30.08 -0.51
N PRO A 116 22.05 30.18 -0.28
CA PRO A 116 22.71 29.07 0.42
C PRO A 116 22.17 28.80 1.83
N ILE A 117 21.79 29.84 2.57
CA ILE A 117 21.30 29.59 3.92
C ILE A 117 19.85 29.06 3.83
N GLN A 118 19.14 29.47 2.78
CA GLN A 118 17.84 28.88 2.48
C GLN A 118 17.95 27.37 2.30
N PHE A 119 18.91 26.95 1.48
CA PHE A 119 19.13 25.53 1.22
C PHE A 119 19.56 24.76 2.47
N GLU A 120 20.58 25.26 3.17
CA GLU A 120 21.09 24.59 4.37
C GLU A 120 20.01 24.43 5.43
N SER A 121 19.25 25.50 5.68
CA SER A 121 18.19 25.42 6.67
C SER A 121 17.04 24.51 6.21
N ALA A 122 16.73 24.53 4.92
CA ALA A 122 15.68 23.63 4.41
C ALA A 122 16.08 22.16 4.60
N TRP A 123 17.34 21.87 4.31
CA TRP A 123 17.90 20.55 4.52
C TRP A 123 17.88 20.18 6.02
N ALA A 124 18.36 21.08 6.88
CA ALA A 124 18.32 20.84 8.31
C ALA A 124 16.89 20.55 8.77
N LEU A 125 15.95 21.37 8.33
CA LEU A 125 14.55 21.21 8.75
C LEU A 125 13.94 19.93 8.17
N THR A 126 14.31 19.60 6.95
CA THR A 126 13.84 18.35 6.36
C THR A 126 14.18 17.19 7.28
N ASN A 127 15.40 17.20 7.80
CA ASN A 127 15.89 16.06 8.58
C ASN A 127 15.30 16.00 9.98
N ILE A 128 15.07 17.16 10.58
CA ILE A 128 14.33 17.18 11.85
C ILE A 128 12.93 16.61 11.62
N ALA A 129 12.29 17.02 10.51
CA ALA A 129 10.93 16.60 10.22
C ALA A 129 10.84 15.12 9.84
N SER A 130 11.99 14.50 9.59
CA SER A 130 12.04 13.10 9.19
C SER A 130 11.95 12.17 10.40
N GLY A 131 11.95 12.76 11.60
CA GLY A 131 12.02 11.98 12.83
C GLY A 131 10.66 11.55 13.35
N THR A 132 10.53 11.51 14.68
CA THR A 132 9.28 11.11 15.34
C THR A 132 8.18 12.12 15.08
N SER A 133 6.93 11.76 15.37
CA SER A 133 5.84 12.73 15.27
C SER A 133 6.13 13.99 16.09
N GLU A 134 6.71 13.82 17.26
CA GLU A 134 7.03 14.98 18.11
C GLU A 134 8.06 15.89 17.43
N GLN A 135 9.03 15.28 16.76
CA GLN A 135 10.05 16.06 16.05
C GLN A 135 9.46 16.76 14.82
N THR A 136 8.60 16.07 14.09
CA THR A 136 7.93 16.70 12.96
C THR A 136 7.06 17.84 13.45
N LYS A 137 6.35 17.62 14.55
CA LYS A 137 5.50 18.65 15.13
C LYS A 137 6.30 19.91 15.47
N ALA A 138 7.53 19.72 15.94
CA ALA A 138 8.36 20.88 16.30
C ALA A 138 8.61 21.76 15.07
N VAL A 139 8.84 21.11 13.94
CA VAL A 139 9.06 21.84 12.70
C VAL A 139 7.80 22.60 12.28
N VAL A 140 6.67 21.90 12.26
CA VAL A 140 5.39 22.54 11.94
C VAL A 140 5.08 23.69 12.93
N ASP A 141 5.32 23.45 14.22
CA ASP A 141 5.02 24.46 15.24
C ASP A 141 5.85 25.73 15.03
N GLY A 142 6.99 25.61 14.36
CA GLY A 142 7.83 26.77 14.11
C GLY A 142 7.43 27.58 12.90
N GLY A 143 6.33 27.20 12.25
CA GLY A 143 5.85 27.94 11.09
C GLY A 143 6.45 27.50 9.76
N ALA A 144 7.03 26.31 9.74
CA ALA A 144 7.71 25.85 8.54
C ALA A 144 6.80 25.60 7.32
N ILE A 145 5.55 25.22 7.52
CA ILE A 145 4.73 24.84 6.37
C ILE A 145 4.58 25.96 5.34
N PRO A 146 4.12 27.13 5.76
CA PRO A 146 4.01 28.18 4.73
C PRO A 146 5.37 28.59 4.17
N ALA A 147 6.40 28.53 4.99
CA ALA A 147 7.72 28.93 4.55
C ALA A 147 8.22 27.98 3.47
N PHE A 148 8.01 26.69 3.66
CA PHE A 148 8.38 25.70 2.65
C PHE A 148 7.55 25.85 1.37
N ILE A 149 6.26 26.12 1.52
CA ILE A 149 5.41 26.30 0.35
C ILE A 149 5.90 27.49 -0.48
N SER A 150 6.32 28.56 0.19
CA SER A 150 6.87 29.71 -0.53
C SER A 150 8.13 29.36 -1.33
N LEU A 151 8.92 28.42 -0.83
CA LEU A 151 10.15 28.01 -1.52
C LEU A 151 9.92 27.13 -2.73
N LEU A 152 8.70 26.60 -2.88
CA LEU A 152 8.41 25.76 -4.04
C LEU A 152 8.62 26.58 -5.32
N ALA A 153 8.45 27.89 -5.21
CA ALA A 153 8.56 28.78 -6.37
C ALA A 153 9.99 29.30 -6.57
N SER A 154 10.93 28.80 -5.78
CA SER A 154 12.30 29.29 -5.86
C SER A 154 12.88 29.11 -7.27
N PRO A 155 13.65 30.09 -7.74
CA PRO A 155 14.41 29.97 -8.99
C PRO A 155 15.50 28.90 -8.90
N HIS A 156 15.86 28.53 -7.67
CA HIS A 156 16.90 27.52 -7.45
C HIS A 156 16.29 26.14 -7.31
N ALA A 157 16.57 25.28 -8.29
CA ALA A 157 15.94 23.97 -8.34
C ALA A 157 16.24 23.13 -7.10
N HIS A 158 17.47 23.21 -6.60
CA HIS A 158 17.85 22.39 -5.46
C HIS A 158 17.14 22.85 -4.19
N ILE A 159 16.79 24.13 -4.12
CA ILE A 159 16.03 24.65 -2.99
C ILE A 159 14.56 24.25 -3.09
N SER A 160 13.98 24.40 -4.28
CA SER A 160 12.61 23.98 -4.52
C SER A 160 12.45 22.50 -4.17
N GLU A 161 13.39 21.69 -4.66
CA GLU A 161 13.40 20.25 -4.38
C GLU A 161 13.48 19.96 -2.89
N GLN A 162 14.27 20.75 -2.16
CA GLN A 162 14.40 20.50 -0.73
C GLN A 162 13.09 20.79 -0.02
N ALA A 163 12.39 21.83 -0.48
CA ALA A 163 11.10 22.19 0.08
C ALA A 163 10.06 21.10 -0.22
N VAL A 164 10.09 20.55 -1.43
CA VAL A 164 9.23 19.41 -1.78
C VAL A 164 9.47 18.27 -0.79
N TRP A 165 10.73 17.95 -0.57
CA TRP A 165 11.10 16.88 0.34
C TRP A 165 10.60 17.15 1.76
N ALA A 166 10.84 18.35 2.28
CA ALA A 166 10.41 18.67 3.64
C ALA A 166 8.89 18.53 3.79
N LEU A 167 8.16 19.02 2.80
CA LEU A 167 6.71 18.97 2.85
C LEU A 167 6.20 17.52 2.81
N GLY A 168 6.92 16.66 2.10
CA GLY A 168 6.58 15.25 2.09
C GLY A 168 6.75 14.57 3.44
N ASN A 169 7.81 14.92 4.17
CA ASN A 169 8.01 14.41 5.52
C ASN A 169 6.91 14.88 6.47
N ILE A 170 6.55 16.14 6.34
CA ILE A 170 5.48 16.69 7.17
C ILE A 170 4.15 15.97 6.88
N ALA A 171 3.77 15.91 5.61
CA ALA A 171 2.54 15.23 5.23
C ALA A 171 2.59 13.75 5.63
N GLY A 172 3.78 13.17 5.55
CA GLY A 172 3.98 11.77 5.87
C GLY A 172 3.72 11.41 7.33
N ASP A 173 3.62 12.42 8.18
CA ASP A 173 3.39 12.16 9.60
C ASP A 173 2.00 11.55 9.87
N GLY A 174 1.02 11.92 9.06
CA GLY A 174 -0.35 11.49 9.35
C GLY A 174 -1.37 12.38 8.68
N SER A 175 -2.64 12.02 8.79
CA SER A 175 -3.72 12.75 8.11
CA SER A 175 -3.70 12.75 8.10
C SER A 175 -3.82 14.21 8.54
N ALA A 176 -3.60 14.48 9.83
CA ALA A 176 -3.73 15.85 10.31
C ALA A 176 -2.73 16.78 9.62
N PHE A 177 -1.45 16.42 9.65
CA PHE A 177 -0.43 17.25 9.02
C PHE A 177 -0.56 17.24 7.49
N ARG A 178 -0.93 16.08 6.93
CA ARG A 178 -1.24 15.97 5.51
C ARG A 178 -2.26 17.04 5.13
N ASP A 179 -3.38 17.02 5.84
CA ASP A 179 -4.47 17.95 5.56
C ASP A 179 -4.08 19.40 5.84
N LEU A 180 -3.20 19.60 6.81
CA LEU A 180 -2.74 20.96 7.11
C LEU A 180 -1.84 21.48 5.98
N VAL A 181 -0.98 20.62 5.46
CA VAL A 181 -0.17 21.00 4.31
C VAL A 181 -1.08 21.39 3.13
N ILE A 182 -2.15 20.62 2.93
CA ILE A 182 -3.09 20.93 1.86
C ILE A 182 -3.78 22.28 2.09
N LYS A 183 -4.23 22.52 3.33
CA LYS A 183 -4.91 23.79 3.63
C LYS A 183 -4.03 25.02 3.39
N HIS A 184 -2.72 24.89 3.64
CA HIS A 184 -1.78 25.99 3.40
C HIS A 184 -1.52 26.18 1.91
N GLY A 185 -2.11 25.33 1.08
CA GLY A 185 -2.07 25.51 -0.37
C GLY A 185 -0.89 24.88 -1.10
N ALA A 186 -0.41 23.75 -0.64
CA ALA A 186 0.76 23.13 -1.25
C ALA A 186 0.49 22.51 -2.63
N ILE A 187 -0.73 22.04 -2.87
CA ILE A 187 -0.95 21.25 -4.07
C ILE A 187 -0.71 22.02 -5.36
N ASP A 188 -1.25 23.24 -5.46
CA ASP A 188 -1.09 24.01 -6.70
C ASP A 188 0.38 24.19 -7.12
N PRO A 189 1.21 24.78 -6.24
CA PRO A 189 2.63 24.92 -6.62
C PRO A 189 3.34 23.59 -6.86
N LEU A 190 2.98 22.53 -6.15
CA LEU A 190 3.61 21.23 -6.39
C LEU A 190 3.28 20.77 -7.79
N LEU A 191 2.02 20.88 -8.16
CA LEU A 191 1.61 20.40 -9.48
C LEU A 191 2.20 21.27 -10.58
N ALA A 192 2.40 22.56 -10.30
CA ALA A 192 2.96 23.47 -11.29
C ALA A 192 4.36 23.06 -11.70
N LEU A 193 5.11 22.49 -10.75
CA LEU A 193 6.47 22.04 -11.03
C LEU A 193 6.50 20.88 -12.03
N LEU A 194 5.40 20.15 -12.13
CA LEU A 194 5.32 19.02 -13.03
C LEU A 194 4.57 19.36 -14.31
N ALA A 195 4.17 20.62 -14.46
CA ALA A 195 3.42 21.03 -15.63
C ALA A 195 4.36 21.35 -16.78
N VAL A 196 4.97 20.29 -17.33
CA VAL A 196 5.89 20.41 -18.45
C VAL A 196 5.40 19.48 -19.56
N PRO A 197 5.80 19.75 -20.81
CA PRO A 197 5.34 18.93 -21.94
C PRO A 197 5.80 17.48 -21.82
N ASP A 198 7.03 17.26 -21.35
CA ASP A 198 7.58 15.91 -21.22
C ASP A 198 8.35 15.76 -19.91
N LEU A 199 7.87 14.86 -19.05
CA LEU A 199 8.48 14.65 -17.74
C LEU A 199 9.96 14.31 -17.83
N SER A 200 10.37 13.74 -18.96
CA SER A 200 11.75 13.29 -19.11
C SER A 200 12.76 14.44 -19.09
N THR A 201 12.29 15.68 -19.26
CA THR A 201 13.19 16.82 -19.21
C THR A 201 13.58 17.18 -17.79
N LEU A 202 12.80 16.73 -16.81
CA LEU A 202 13.10 17.04 -15.41
C LEU A 202 14.25 16.20 -14.92
N ALA A 203 15.04 16.73 -13.99
CA ALA A 203 16.09 15.95 -13.34
C ALA A 203 15.45 14.75 -12.64
N CYS A 204 16.11 13.61 -12.73
CA CYS A 204 15.57 12.36 -12.19
C CYS A 204 15.22 12.49 -10.71
N GLY A 205 16.20 12.95 -9.93
CA GLY A 205 16.02 13.07 -8.50
C GLY A 205 14.87 14.00 -8.14
N TYR A 206 14.77 15.10 -8.86
CA TYR A 206 13.74 16.11 -8.62
C TYR A 206 12.37 15.48 -8.85
N LEU A 207 12.19 14.84 -10.01
CA LEU A 207 10.92 14.17 -10.31
C LEU A 207 10.56 13.09 -9.29
N ARG A 208 11.54 12.32 -8.83
CA ARG A 208 11.28 11.27 -7.86
C ARG A 208 10.79 11.84 -6.52
N ASN A 209 11.44 12.90 -6.07
CA ASN A 209 11.00 13.61 -4.86
C ASN A 209 9.59 14.18 -4.97
N LEU A 210 9.27 14.78 -6.12
CA LEU A 210 7.93 15.31 -6.35
C LEU A 210 6.90 14.19 -6.30
N THR A 211 7.20 13.07 -6.95
CA THR A 211 6.28 11.95 -6.95
C THR A 211 6.08 11.42 -5.54
N TRP A 212 7.18 11.33 -4.78
CA TRP A 212 7.10 10.79 -3.43
C TRP A 212 6.24 11.68 -2.54
N THR A 213 6.49 12.98 -2.58
CA THR A 213 5.67 13.91 -1.79
C THR A 213 4.19 13.86 -2.20
N LEU A 214 3.91 13.81 -3.50
CA LEU A 214 2.53 13.65 -3.94
C LEU A 214 1.90 12.37 -3.38
N SER A 215 2.67 11.28 -3.33
CA SER A 215 2.10 10.04 -2.81
C SER A 215 1.74 10.15 -1.32
N ASN A 216 2.56 10.88 -0.55
CA ASN A 216 2.22 11.12 0.86
C ASN A 216 0.95 11.96 1.02
N LEU A 217 0.68 12.82 0.04
CA LEU A 217 -0.56 13.61 0.08
C LEU A 217 -1.77 12.76 -0.24
N CYS A 218 -1.54 11.63 -0.90
CA CYS A 218 -2.62 10.66 -1.18
C CYS A 218 -2.77 9.62 -0.08
N ARG A 219 -1.83 9.62 0.86
CA ARG A 219 -1.72 8.56 1.84
C ARG A 219 -2.57 8.78 3.10
N ASN A 220 -2.85 7.67 3.80
CA ASN A 220 -3.53 7.66 5.09
C ASN A 220 -5.05 7.83 5.03
N LYS A 221 -5.71 7.35 6.08
CA LYS A 221 -7.16 7.44 6.18
C LYS A 221 -7.59 7.84 7.59
N ASN A 222 -8.89 7.83 7.84
CA ASN A 222 -9.41 8.37 9.08
C ASN A 222 -8.85 9.77 9.38
N PRO A 223 -9.14 10.74 8.52
CA PRO A 223 -9.92 10.54 7.29
C PRO A 223 -9.00 10.38 6.09
N ALA A 224 -9.56 9.93 4.98
CA ALA A 224 -8.86 9.93 3.71
C ALA A 224 -8.63 11.38 3.27
N PRO A 225 -7.74 11.59 2.29
CA PRO A 225 -7.47 12.97 1.88
C PRO A 225 -8.75 13.63 1.35
N PRO A 226 -8.82 14.96 1.38
CA PRO A 226 -10.03 15.63 0.90
C PRO A 226 -10.35 15.24 -0.54
N LEU A 227 -11.63 15.00 -0.83
CA LEU A 227 -12.03 14.59 -2.17
C LEU A 227 -11.52 15.54 -3.25
N ASP A 228 -11.62 16.84 -3.01
CA ASP A 228 -11.19 17.82 -4.02
C ASP A 228 -9.68 17.83 -4.24
N ALA A 229 -8.91 17.56 -3.19
CA ALA A 229 -7.46 17.43 -3.32
C ALA A 229 -7.12 16.21 -4.18
N VAL A 230 -7.80 15.11 -3.94
CA VAL A 230 -7.60 13.89 -4.72
C VAL A 230 -7.90 14.18 -6.20
N GLU A 231 -9.02 14.84 -6.47
CA GLU A 231 -9.40 15.15 -7.84
C GLU A 231 -8.37 16.05 -8.49
N GLN A 232 -7.83 16.97 -7.70
CA GLN A 232 -6.81 17.90 -8.17
C GLN A 232 -5.49 17.19 -8.57
N ILE A 233 -5.10 16.21 -7.78
CA ILE A 233 -3.84 15.48 -7.97
C ILE A 233 -3.91 14.40 -9.06
N LEU A 234 -5.07 13.77 -9.21
CA LEU A 234 -5.17 12.55 -10.02
C LEU A 234 -4.62 12.64 -11.45
N PRO A 235 -4.94 13.70 -12.18
CA PRO A 235 -4.48 13.76 -13.57
C PRO A 235 -2.95 13.76 -13.65
N THR A 236 -2.30 14.43 -12.69
CA THR A 236 -0.83 14.44 -12.68
C THR A 236 -0.33 13.05 -12.34
N LEU A 237 -0.98 12.42 -11.37
CA LEU A 237 -0.65 11.05 -10.99
C LEU A 237 -0.80 10.06 -12.16
N VAL A 238 -1.87 10.21 -12.94
CA VAL A 238 -2.09 9.31 -14.06
C VAL A 238 -0.92 9.46 -15.03
N ARG A 239 -0.46 10.69 -15.19
CA ARG A 239 0.65 10.96 -16.09
CA ARG A 239 0.64 10.98 -16.09
C ARG A 239 1.95 10.37 -15.56
N LEU A 240 2.15 10.41 -14.25
CA LEU A 240 3.35 9.84 -13.64
C LEU A 240 3.38 8.32 -13.77
N LEU A 241 2.20 7.72 -13.69
CA LEU A 241 2.04 6.28 -13.88
C LEU A 241 2.46 5.79 -15.26
N HIS A 242 2.59 6.70 -16.22
CA HIS A 242 3.06 6.33 -17.56
C HIS A 242 4.53 6.68 -17.81
N HIS A 243 5.21 7.19 -16.78
CA HIS A 243 6.61 7.56 -16.90
C HIS A 243 7.49 6.30 -16.88
N ASN A 244 8.72 6.38 -17.38
CA ASN A 244 9.55 5.18 -17.52
C ASN A 244 10.58 4.94 -16.42
N ASP A 245 10.60 5.79 -15.40
CA ASP A 245 11.53 5.57 -14.28
C ASP A 245 10.93 4.64 -13.22
N PRO A 246 11.64 3.53 -12.91
CA PRO A 246 11.11 2.54 -11.97
C PRO A 246 10.72 3.12 -10.60
N GLU A 247 11.50 4.07 -10.10
CA GLU A 247 11.20 4.65 -8.79
C GLU A 247 9.93 5.51 -8.84
N VAL A 248 9.79 6.29 -9.90
CA VAL A 248 8.58 7.10 -10.09
C VAL A 248 7.36 6.18 -10.23
N LEU A 249 7.51 5.11 -11.03
CA LEU A 249 6.42 4.15 -11.21
C LEU A 249 6.01 3.50 -9.90
N ALA A 250 7.00 3.08 -9.10
CA ALA A 250 6.69 2.47 -7.81
C ALA A 250 5.89 3.41 -6.91
N ASP A 251 6.36 4.65 -6.76
CA ASP A 251 5.69 5.57 -5.86
C ASP A 251 4.31 5.99 -6.37
N SER A 252 4.17 6.06 -7.70
CA SER A 252 2.88 6.39 -8.31
CA SER A 252 2.87 6.41 -8.28
C SER A 252 1.87 5.28 -8.07
N CYS A 253 2.33 4.04 -8.17
CA CYS A 253 1.51 2.90 -7.83
C CYS A 253 1.15 2.89 -6.35
N TRP A 254 2.11 3.23 -5.49
CA TRP A 254 1.79 3.33 -4.08
C TRP A 254 0.69 4.38 -3.87
N ALA A 255 0.86 5.55 -4.49
CA ALA A 255 -0.17 6.60 -4.37
C ALA A 255 -1.54 6.05 -4.77
N ILE A 256 -1.59 5.34 -5.90
CA ILE A 256 -2.86 4.80 -6.38
C ILE A 256 -3.43 3.76 -5.41
N SER A 257 -2.56 2.94 -4.83
CA SER A 257 -2.96 1.96 -3.83
C SER A 257 -3.59 2.61 -2.60
N TYR A 258 -3.05 3.74 -2.17
CA TYR A 258 -3.63 4.47 -1.04
C TYR A 258 -5.01 5.00 -1.43
N LEU A 259 -5.11 5.54 -2.65
CA LEU A 259 -6.37 6.17 -3.06
C LEU A 259 -7.50 5.15 -3.19
N THR A 260 -7.15 3.91 -3.52
CA THR A 260 -8.15 2.86 -3.72
C THR A 260 -8.41 2.04 -2.45
N ASP A 261 -7.65 2.33 -1.40
CA ASP A 261 -7.87 1.70 -0.10
C ASP A 261 -8.95 2.49 0.64
N GLY A 262 -10.20 2.22 0.31
CA GLY A 262 -11.32 2.96 0.88
C GLY A 262 -12.66 2.49 0.30
N PRO A 263 -13.73 3.24 0.59
CA PRO A 263 -15.07 2.86 0.09
C PRO A 263 -15.16 2.93 -1.43
N ASN A 264 -16.26 2.41 -1.98
CA ASN A 264 -16.43 2.30 -3.43
C ASN A 264 -16.32 3.63 -4.16
N GLU A 265 -16.76 4.71 -3.52
CA GLU A 265 -16.66 6.04 -4.11
C GLU A 265 -15.21 6.47 -4.36
N ARG A 266 -14.31 6.11 -3.45
CA ARG A 266 -12.91 6.46 -3.61
C ARG A 266 -12.30 5.64 -4.75
N ILE A 267 -12.62 4.35 -4.77
CA ILE A 267 -12.17 3.47 -5.84
C ILE A 267 -12.64 4.02 -7.19
N GLU A 268 -13.89 4.45 -7.26
CA GLU A 268 -14.46 4.91 -8.52
C GLU A 268 -13.74 6.13 -9.09
N MET A 269 -13.34 7.07 -8.23
CA MET A 269 -12.58 8.25 -8.66
C MET A 269 -11.34 7.85 -9.45
N VAL A 270 -10.70 6.78 -9.01
CA VAL A 270 -9.48 6.32 -9.68
C VAL A 270 -9.83 5.56 -10.96
N VAL A 271 -10.74 4.61 -10.85
CA VAL A 271 -11.10 3.78 -12.00
C VAL A 271 -11.61 4.62 -13.16
N LYS A 272 -12.35 5.68 -12.86
CA LYS A 272 -12.92 6.51 -13.93
C LYS A 272 -11.83 7.25 -14.71
N LYS A 273 -10.66 7.41 -14.11
CA LYS A 273 -9.53 8.06 -14.79
C LYS A 273 -8.89 7.11 -15.82
N GLY A 274 -9.37 5.87 -15.87
CA GLY A 274 -8.92 4.91 -16.87
C GLY A 274 -7.55 4.30 -16.67
N VAL A 275 -7.05 4.32 -15.43
CA VAL A 275 -5.72 3.80 -15.13
C VAL A 275 -5.61 2.28 -15.02
N VAL A 276 -6.74 1.58 -14.95
CA VAL A 276 -6.68 0.13 -14.71
C VAL A 276 -5.80 -0.64 -15.71
N PRO A 277 -5.96 -0.38 -17.02
CA PRO A 277 -5.09 -1.06 -17.97
C PRO A 277 -3.60 -0.82 -17.69
N GLN A 278 -3.22 0.41 -17.34
CA GLN A 278 -1.82 0.68 -17.02
C GLN A 278 -1.37 -0.05 -15.76
N LEU A 279 -2.25 -0.12 -14.75
CA LEU A 279 -1.97 -0.91 -13.55
C LEU A 279 -1.71 -2.38 -13.88
N VAL A 280 -2.53 -2.93 -14.77
CA VAL A 280 -2.37 -4.34 -15.17
C VAL A 280 -1.04 -4.55 -15.87
N LYS A 281 -0.67 -3.61 -16.72
CA LYS A 281 0.65 -3.63 -17.35
C LYS A 281 1.78 -3.61 -16.31
N LEU A 282 1.65 -2.78 -15.29
CA LEU A 282 2.69 -2.69 -14.26
C LEU A 282 2.71 -3.96 -13.41
N LEU A 283 1.56 -4.61 -13.31
CA LEU A 283 1.42 -5.86 -12.58
C LEU A 283 2.36 -6.92 -13.17
N GLY A 284 2.65 -6.79 -14.46
CA GLY A 284 3.57 -7.72 -15.11
C GLY A 284 5.00 -7.25 -15.15
N ALA A 285 5.30 -6.17 -14.44
CA ALA A 285 6.65 -5.62 -14.45
C ALA A 285 7.67 -6.60 -13.89
N THR A 286 8.92 -6.42 -14.28
CA THR A 286 10.01 -7.26 -13.78
C THR A 286 10.40 -6.89 -12.35
N GLU A 287 10.26 -5.60 -12.03
CA GLU A 287 10.70 -5.11 -10.73
C GLU A 287 9.67 -5.35 -9.62
N LEU A 288 10.08 -6.09 -8.59
CA LEU A 288 9.22 -6.36 -7.45
C LEU A 288 8.68 -5.09 -6.77
N PRO A 289 9.50 -4.02 -6.69
CA PRO A 289 9.03 -2.75 -6.11
C PRO A 289 7.91 -2.10 -6.93
N ILE A 290 7.74 -2.51 -8.18
CA ILE A 290 6.61 -2.03 -8.98
C ILE A 290 5.43 -3.00 -8.88
N VAL A 291 5.71 -4.29 -8.97
CA VAL A 291 4.65 -5.29 -8.88
C VAL A 291 3.91 -5.22 -7.56
N THR A 292 4.63 -4.96 -6.47
CA THR A 292 3.99 -4.97 -5.16
C THR A 292 2.87 -3.91 -5.02
N PRO A 293 3.18 -2.63 -5.28
CA PRO A 293 2.13 -1.60 -5.21
C PRO A 293 1.08 -1.72 -6.34
N ALA A 294 1.48 -2.18 -7.53
CA ALA A 294 0.51 -2.40 -8.61
C ALA A 294 -0.53 -3.43 -8.17
N LEU A 295 -0.06 -4.53 -7.60
CA LEU A 295 -0.95 -5.58 -7.11
C LEU A 295 -1.81 -5.11 -5.94
N ARG A 296 -1.22 -4.31 -5.08
CA ARG A 296 -1.93 -3.75 -3.96
C ARG A 296 -3.14 -2.94 -4.45
N ALA A 297 -2.93 -2.10 -5.46
CA ALA A 297 -3.98 -1.27 -6.04
C ALA A 297 -5.05 -2.11 -6.72
N ILE A 298 -4.61 -3.12 -7.48
CA ILE A 298 -5.56 -3.98 -8.20
C ILE A 298 -6.44 -4.72 -7.19
N GLY A 299 -5.81 -5.23 -6.13
CA GLY A 299 -6.54 -5.89 -5.05
C GLY A 299 -7.55 -4.96 -4.40
N ASN A 300 -7.14 -3.73 -4.15
CA ASN A 300 -8.03 -2.73 -3.57
C ASN A 300 -9.22 -2.46 -4.46
N ILE A 301 -8.97 -2.30 -5.76
CA ILE A 301 -10.04 -2.05 -6.71
C ILE A 301 -11.09 -3.17 -6.71
N VAL A 302 -10.64 -4.42 -6.63
CA VAL A 302 -11.60 -5.51 -6.66
C VAL A 302 -12.35 -5.70 -5.33
N THR A 303 -12.02 -4.92 -4.30
CA THR A 303 -12.85 -4.89 -3.11
C THR A 303 -14.12 -4.06 -3.36
N GLY A 304 -14.18 -3.40 -4.51
CA GLY A 304 -15.29 -2.52 -4.85
C GLY A 304 -16.51 -3.26 -5.40
N THR A 305 -17.29 -2.59 -6.25
CA THR A 305 -18.49 -3.20 -6.83
C THR A 305 -18.10 -4.24 -7.86
N ASP A 306 -19.06 -5.06 -8.26
CA ASP A 306 -18.78 -6.06 -9.29
C ASP A 306 -18.38 -5.40 -10.61
N GLU A 307 -18.92 -4.21 -10.88
CA GLU A 307 -18.58 -3.46 -12.10
C GLU A 307 -17.13 -2.96 -12.08
N GLN A 308 -16.67 -2.52 -10.91
CA GLN A 308 -15.27 -2.11 -10.77
C GLN A 308 -14.34 -3.31 -10.97
N THR A 309 -14.72 -4.45 -10.39
CA THR A 309 -13.99 -5.69 -10.60
C THR A 309 -13.92 -6.10 -12.08
N GLN A 310 -15.03 -5.95 -12.80
CA GLN A 310 -15.07 -6.29 -14.22
C GLN A 310 -14.04 -5.50 -15.02
N LYS A 311 -13.80 -4.26 -14.62
CA LYS A 311 -12.81 -3.42 -15.29
C LYS A 311 -11.43 -4.07 -15.18
N VAL A 312 -11.13 -4.61 -13.99
CA VAL A 312 -9.87 -5.33 -13.78
C VAL A 312 -9.79 -6.58 -14.67
N ILE A 313 -10.87 -7.35 -14.71
CA ILE A 313 -10.92 -8.54 -15.56
C ILE A 313 -10.81 -8.14 -17.04
N ASP A 314 -11.62 -7.17 -17.46
CA ASP A 314 -11.61 -6.70 -18.85
C ASP A 314 -10.22 -6.26 -19.31
N ALA A 315 -9.46 -5.64 -18.40
CA ALA A 315 -8.13 -5.16 -18.74
C ALA A 315 -7.09 -6.28 -18.85
N GLY A 316 -7.49 -7.50 -18.50
CA GLY A 316 -6.64 -8.67 -18.70
C GLY A 316 -5.84 -9.10 -17.48
N ALA A 317 -6.26 -8.66 -16.29
CA ALA A 317 -5.49 -8.94 -15.08
C ALA A 317 -5.32 -10.43 -14.79
N LEU A 318 -6.33 -11.23 -15.15
CA LEU A 318 -6.31 -12.66 -14.77
C LEU A 318 -5.17 -13.45 -15.43
N ALA A 319 -4.76 -13.04 -16.62
CA ALA A 319 -3.68 -13.72 -17.33
C ALA A 319 -2.34 -13.60 -16.60
N VAL A 320 -2.26 -12.68 -15.65
CA VAL A 320 -1.00 -12.48 -14.91
C VAL A 320 -0.98 -13.36 -13.68
N PHE A 321 -2.13 -13.88 -13.30
CA PHE A 321 -2.21 -14.61 -12.04
C PHE A 321 -1.50 -15.96 -11.95
N PRO A 322 -1.32 -16.65 -13.09
CA PRO A 322 -0.49 -17.86 -12.98
C PRO A 322 0.88 -17.55 -12.37
N SER A 323 1.49 -16.46 -12.79
CA SER A 323 2.78 -16.01 -12.26
CA SER A 323 2.78 -16.04 -12.25
C SER A 323 2.66 -15.49 -10.82
N LEU A 324 1.66 -14.66 -10.56
CA LEU A 324 1.51 -14.10 -9.22
C LEU A 324 1.25 -15.16 -8.16
N LEU A 325 0.43 -16.16 -8.50
CA LEU A 325 0.07 -17.21 -7.54
C LEU A 325 1.17 -18.24 -7.32
N THR A 326 2.26 -18.13 -8.07
CA THR A 326 3.45 -18.95 -7.83
C THR A 326 4.69 -18.09 -7.58
N ASN A 327 4.49 -16.80 -7.30
CA ASN A 327 5.59 -15.87 -7.14
C ASN A 327 6.48 -16.24 -5.96
N PRO A 328 7.81 -16.20 -6.14
CA PRO A 328 8.67 -16.61 -5.03
C PRO A 328 8.57 -15.67 -3.81
N LYS A 329 8.08 -14.45 -3.99
CA LYS A 329 7.86 -13.57 -2.82
C LYS A 329 6.55 -13.91 -2.12
N THR A 330 6.65 -14.33 -0.86
CA THR A 330 5.51 -14.75 -0.07
C THR A 330 4.38 -13.72 -0.08
N ASN A 331 4.75 -12.46 0.09
CA ASN A 331 3.76 -11.40 0.16
C ASN A 331 2.96 -11.25 -1.13
N ILE A 332 3.62 -11.47 -2.27
CA ILE A 332 2.95 -11.37 -3.56
C ILE A 332 1.93 -12.50 -3.70
N GLN A 333 2.31 -13.71 -3.31
CA GLN A 333 1.37 -14.84 -3.36
C GLN A 333 0.16 -14.58 -2.48
N LYS A 334 0.42 -14.02 -1.30
CA LYS A 334 -0.66 -13.75 -0.35
C LYS A 334 -1.63 -12.69 -0.88
N GLU A 335 -1.07 -11.59 -1.37
CA GLU A 335 -1.87 -10.49 -1.91
C GLU A 335 -2.66 -10.95 -3.12
N ALA A 336 -2.03 -11.76 -3.95
CA ALA A 336 -2.67 -12.25 -5.17
C ALA A 336 -3.82 -13.20 -4.84
N THR A 337 -3.64 -14.01 -3.80
CA THR A 337 -4.67 -14.97 -3.44
C THR A 337 -5.84 -14.25 -2.76
N TRP A 338 -5.51 -13.24 -1.96
CA TRP A 338 -6.54 -12.41 -1.35
C TRP A 338 -7.37 -11.76 -2.45
N THR A 339 -6.69 -11.19 -3.43
CA THR A 339 -7.32 -10.60 -4.61
C THR A 339 -8.24 -11.62 -5.31
N MET A 340 -7.73 -12.81 -5.56
CA MET A 340 -8.54 -13.88 -6.15
C MET A 340 -9.79 -14.17 -5.33
N SER A 341 -9.66 -14.12 -4.00
CA SER A 341 -10.78 -14.44 -3.13
C SER A 341 -11.88 -13.40 -3.31
N ASN A 342 -11.49 -12.17 -3.60
CA ASN A 342 -12.47 -11.11 -3.82
C ASN A 342 -13.07 -11.16 -5.22
N ILE A 343 -12.34 -11.75 -6.15
CA ILE A 343 -12.89 -11.98 -7.47
C ILE A 343 -13.87 -13.15 -7.46
N THR A 344 -13.57 -14.20 -6.70
CA THR A 344 -14.48 -15.34 -6.65
C THR A 344 -15.73 -15.02 -5.83
N ALA A 345 -15.72 -13.87 -5.16
CA ALA A 345 -16.90 -13.36 -4.45
C ALA A 345 -17.83 -12.61 -5.39
N GLY A 346 -17.46 -12.56 -6.67
CA GLY A 346 -18.23 -11.83 -7.66
C GLY A 346 -19.36 -12.64 -8.28
N ARG A 347 -19.79 -12.21 -9.47
CA ARG A 347 -20.88 -12.84 -10.20
C ARG A 347 -20.45 -14.17 -10.82
N GLN A 348 -21.41 -15.00 -11.20
CA GLN A 348 -21.10 -16.28 -11.81
C GLN A 348 -20.31 -16.14 -13.11
N ASP A 349 -20.58 -15.09 -13.88
CA ASP A 349 -19.82 -14.86 -15.12
C ASP A 349 -18.35 -14.47 -14.82
N GLN A 350 -18.12 -13.90 -13.65
CA GLN A 350 -16.77 -13.54 -13.23
C GLN A 350 -16.02 -14.77 -12.68
N ILE A 351 -16.72 -15.60 -11.91
CA ILE A 351 -16.15 -16.90 -11.53
C ILE A 351 -15.80 -17.70 -12.80
N GLN A 352 -16.65 -17.63 -13.81
CA GLN A 352 -16.39 -18.40 -15.04
C GLN A 352 -15.09 -17.95 -15.72
N GLN A 353 -14.79 -16.67 -15.64
CA GLN A 353 -13.55 -16.17 -16.23
C GLN A 353 -12.32 -16.65 -15.45
N VAL A 354 -12.47 -16.77 -14.14
CA VAL A 354 -11.42 -17.38 -13.31
C VAL A 354 -11.20 -18.80 -13.80
N VAL A 355 -12.30 -19.52 -14.02
CA VAL A 355 -12.22 -20.87 -14.57
C VAL A 355 -11.53 -20.87 -15.93
N ASN A 356 -11.97 -20.00 -16.84
CA ASN A 356 -11.45 -19.97 -18.20
C ASN A 356 -9.96 -19.70 -18.27
N HIS A 357 -9.48 -18.80 -17.41
CA HIS A 357 -8.06 -18.48 -17.35
C HIS A 357 -7.22 -19.57 -16.69
N GLY A 358 -7.86 -20.68 -16.32
CA GLY A 358 -7.16 -21.81 -15.76
C GLY A 358 -6.65 -21.58 -14.35
N LEU A 359 -7.33 -20.73 -13.59
CA LEU A 359 -6.82 -20.32 -12.28
C LEU A 359 -7.24 -21.25 -11.15
N VAL A 360 -8.21 -22.12 -11.40
CA VAL A 360 -8.61 -23.04 -10.34
C VAL A 360 -7.49 -23.99 -9.93
N PRO A 361 -6.77 -24.58 -10.91
CA PRO A 361 -5.62 -25.41 -10.54
C PRO A 361 -4.56 -24.64 -9.74
N PHE A 362 -4.42 -23.36 -10.00
CA PHE A 362 -3.46 -22.56 -9.23
C PHE A 362 -3.92 -22.33 -7.80
N LEU A 363 -5.24 -22.24 -7.61
CA LEU A 363 -5.80 -22.13 -6.27
C LEU A 363 -5.64 -23.46 -5.52
N VAL A 364 -5.83 -24.57 -6.23
CA VAL A 364 -5.56 -25.87 -5.65
C VAL A 364 -4.09 -25.96 -5.21
N GLY A 365 -3.19 -25.45 -6.05
CA GLY A 365 -1.78 -25.43 -5.73
C GLY A 365 -1.47 -24.67 -4.45
N VAL A 366 -1.99 -23.45 -4.33
CA VAL A 366 -1.76 -22.65 -3.15
C VAL A 366 -2.36 -23.28 -1.89
N LEU A 367 -3.56 -23.85 -2.01
CA LEU A 367 -4.16 -24.58 -0.90
C LEU A 367 -3.23 -25.72 -0.47
N SER A 368 -2.60 -26.37 -1.45
CA SER A 368 -1.78 -27.55 -1.16
C SER A 368 -0.46 -27.20 -0.51
N LYS A 369 0.13 -26.09 -0.94
CA LYS A 369 1.45 -25.71 -0.46
C LYS A 369 1.65 -24.22 -0.64
N ALA A 370 1.77 -23.51 0.47
CA ALA A 370 2.11 -22.09 0.47
C ALA A 370 2.29 -21.70 1.92
N ASP A 371 2.73 -20.47 2.16
CA ASP A 371 2.77 -19.96 3.52
CA ASP A 371 2.77 -19.99 3.53
C ASP A 371 1.36 -20.01 4.09
N PHE A 372 1.24 -20.21 5.41
CA PHE A 372 -0.09 -20.37 5.99
C PHE A 372 -1.05 -19.21 5.72
N LYS A 373 -0.55 -17.99 5.82
CA LYS A 373 -1.38 -16.82 5.58
C LYS A 373 -1.97 -16.86 4.16
N THR A 374 -1.18 -17.35 3.23
CA THR A 374 -1.61 -17.49 1.84
C THR A 374 -2.66 -18.61 1.72
N GLN A 375 -2.43 -19.72 2.42
CA GLN A 375 -3.36 -20.85 2.37
C GLN A 375 -4.71 -20.42 2.91
N LYS A 376 -4.69 -19.48 3.83
CA LYS A 376 -5.93 -18.98 4.39
C LYS A 376 -6.72 -18.17 3.39
N GLU A 377 -6.02 -17.30 2.68
CA GLU A 377 -6.68 -16.54 1.62
C GLU A 377 -7.22 -17.50 0.57
N ALA A 378 -6.48 -18.58 0.31
CA ALA A 378 -6.94 -19.62 -0.62
C ALA A 378 -8.24 -20.23 -0.13
N ALA A 379 -8.29 -20.58 1.16
CA ALA A 379 -9.52 -21.10 1.75
C ALA A 379 -10.69 -20.14 1.53
N TRP A 380 -10.48 -18.85 1.81
CA TRP A 380 -11.51 -17.84 1.58
C TRP A 380 -11.93 -17.81 0.10
N ALA A 381 -10.96 -17.90 -0.79
CA ALA A 381 -11.24 -17.92 -2.22
C ALA A 381 -12.19 -19.06 -2.57
N ILE A 382 -11.94 -20.22 -1.99
CA ILE A 382 -12.78 -21.40 -2.23
C ILE A 382 -14.19 -21.26 -1.64
N THR A 383 -14.27 -20.83 -0.39
CA THR A 383 -15.57 -20.63 0.22
C THR A 383 -16.40 -19.63 -0.58
N ASN A 384 -15.77 -18.54 -1.02
CA ASN A 384 -16.48 -17.54 -1.79
C ASN A 384 -16.96 -18.13 -3.11
N TYR A 385 -16.05 -18.82 -3.80
CA TYR A 385 -16.35 -19.51 -5.04
C TYR A 385 -17.56 -20.44 -4.88
N THR A 386 -17.51 -21.34 -3.89
CA THR A 386 -18.57 -22.32 -3.67
C THR A 386 -19.87 -21.68 -3.21
N SER A 387 -19.78 -20.50 -2.62
CA SER A 387 -20.99 -19.79 -2.19
C SER A 387 -21.73 -19.17 -3.37
N GLY A 388 -20.98 -18.59 -4.32
CA GLY A 388 -21.59 -17.92 -5.45
C GLY A 388 -21.65 -18.66 -6.77
N GLY A 389 -20.93 -19.78 -6.87
CA GLY A 389 -20.80 -20.49 -8.13
C GLY A 389 -21.98 -21.36 -8.52
N THR A 390 -22.07 -21.70 -9.80
CA THR A 390 -23.09 -22.62 -10.29
C THR A 390 -22.72 -24.04 -9.89
N VAL A 391 -23.69 -24.94 -9.92
CA VAL A 391 -23.41 -26.34 -9.63
C VAL A 391 -22.22 -26.83 -10.48
N GLU A 392 -22.26 -26.53 -11.77
CA GLU A 392 -21.23 -26.97 -12.70
C GLU A 392 -19.85 -26.42 -12.32
N GLN A 393 -19.82 -25.16 -11.90
CA GLN A 393 -18.55 -24.55 -11.49
C GLN A 393 -18.03 -25.22 -10.22
N ILE A 394 -18.94 -25.53 -9.30
CA ILE A 394 -18.55 -26.16 -8.04
C ILE A 394 -18.03 -27.58 -8.28
N VAL A 395 -18.71 -28.33 -9.14
CA VAL A 395 -18.28 -29.66 -9.54
C VAL A 395 -16.87 -29.64 -10.15
N TYR A 396 -16.62 -28.64 -10.99
CA TYR A 396 -15.31 -28.42 -11.60
C TYR A 396 -14.22 -28.28 -10.53
N LEU A 397 -14.57 -27.60 -9.45
CA LEU A 397 -13.66 -27.44 -8.32
C LEU A 397 -13.18 -28.79 -7.82
N VAL A 398 -14.12 -29.72 -7.62
CA VAL A 398 -13.77 -31.03 -7.11
C VAL A 398 -12.90 -31.80 -8.10
N HIS A 399 -13.21 -31.69 -9.38
CA HIS A 399 -12.46 -32.40 -10.41
C HIS A 399 -11.02 -31.91 -10.47
N CYS A 400 -10.79 -30.65 -10.10
CA CYS A 400 -9.45 -30.10 -10.09
C CYS A 400 -8.64 -30.55 -8.88
N GLY A 401 -9.30 -31.23 -7.93
CA GLY A 401 -8.62 -31.80 -6.78
C GLY A 401 -8.67 -30.96 -5.51
N ILE A 402 -9.71 -30.15 -5.36
CA ILE A 402 -9.78 -29.26 -4.21
C ILE A 402 -9.92 -30.00 -2.88
N ILE A 403 -10.55 -31.17 -2.90
CA ILE A 403 -10.99 -31.81 -1.66
C ILE A 403 -9.84 -32.24 -0.73
N GLU A 404 -8.81 -32.86 -1.26
CA GLU A 404 -7.74 -33.34 -0.38
C GLU A 404 -7.00 -32.21 0.35
N PRO A 405 -6.55 -31.18 -0.39
CA PRO A 405 -5.88 -30.06 0.30
C PRO A 405 -6.79 -29.28 1.24
N LEU A 406 -8.10 -29.25 0.99
CA LEU A 406 -9.03 -28.64 1.93
C LEU A 406 -9.07 -29.43 3.23
N MET A 407 -9.12 -30.76 3.11
CA MET A 407 -9.18 -31.61 4.29
C MET A 407 -7.89 -31.51 5.10
N ASN A 408 -6.76 -31.50 4.40
CA ASN A 408 -5.48 -31.39 5.10
C ASN A 408 -5.37 -30.12 5.94
N LEU A 409 -6.07 -29.08 5.51
CA LEU A 409 -6.03 -27.80 6.23
C LEU A 409 -6.92 -27.77 7.45
N LEU A 410 -7.69 -28.84 7.66
CA LEU A 410 -8.55 -28.92 8.83
C LEU A 410 -7.73 -29.22 10.08
N SER A 411 -6.43 -29.49 9.89
CA SER A 411 -5.54 -29.75 11.00
C SER A 411 -5.00 -28.44 11.55
N ALA A 412 -5.42 -27.33 10.95
CA ALA A 412 -4.95 -26.02 11.37
C ALA A 412 -5.49 -25.63 12.73
N LYS A 413 -4.70 -24.86 13.48
CA LYS A 413 -5.10 -24.39 14.80
C LYS A 413 -5.82 -23.06 14.73
N ASP A 414 -6.09 -22.61 13.51
CA ASP A 414 -6.80 -21.36 13.32
C ASP A 414 -8.29 -21.63 13.27
N THR A 415 -9.03 -21.04 14.21
CA THR A 415 -10.46 -21.30 14.32
C THR A 415 -11.26 -20.85 13.10
N LYS A 416 -10.99 -19.64 12.62
CA LYS A 416 -11.80 -19.06 11.54
C LYS A 416 -11.64 -19.78 10.20
N ILE A 417 -10.44 -20.28 9.92
CA ILE A 417 -10.24 -20.99 8.66
C ILE A 417 -10.90 -22.37 8.69
N ILE A 418 -11.04 -22.93 9.88
CA ILE A 418 -11.80 -24.16 10.03
C ILE A 418 -13.26 -23.88 9.71
N GLN A 419 -13.78 -22.75 10.21
CA GLN A 419 -15.14 -22.33 9.88
C GLN A 419 -15.26 -22.16 8.37
N VAL A 420 -14.31 -21.45 7.78
CA VAL A 420 -14.29 -21.18 6.34
C VAL A 420 -14.28 -22.48 5.54
N ILE A 421 -13.40 -23.39 5.92
CA ILE A 421 -13.31 -24.68 5.23
C ILE A 421 -14.59 -25.49 5.41
N LEU A 422 -15.11 -25.54 6.64
CA LEU A 422 -16.35 -26.27 6.89
C LEU A 422 -17.53 -25.70 6.11
N ASP A 423 -17.53 -24.38 5.94
CA ASP A 423 -18.51 -23.71 5.09
C ASP A 423 -18.42 -24.18 3.65
N ALA A 424 -17.20 -24.20 3.11
CA ALA A 424 -16.98 -24.62 1.74
C ALA A 424 -17.46 -26.05 1.50
N ILE A 425 -17.14 -26.94 2.42
CA ILE A 425 -17.57 -28.34 2.33
C ILE A 425 -19.09 -28.44 2.31
N SER A 426 -19.74 -27.66 3.17
CA SER A 426 -21.19 -27.58 3.17
C SER A 426 -21.70 -27.18 1.80
N ASN A 427 -21.12 -26.12 1.25
CA ASN A 427 -21.50 -25.63 -0.06
C ASN A 427 -21.32 -26.67 -1.15
N ILE A 428 -20.18 -27.37 -1.13
CA ILE A 428 -19.90 -28.38 -2.14
C ILE A 428 -20.88 -29.55 -2.02
N PHE A 429 -21.19 -29.93 -0.78
CA PHE A 429 -22.19 -30.98 -0.56
C PHE A 429 -23.53 -30.58 -1.13
N GLN A 430 -23.96 -29.35 -0.83
CA GLN A 430 -25.21 -28.81 -1.36
C GLN A 430 -25.29 -28.96 -2.88
N ALA A 431 -24.17 -28.77 -3.55
CA ALA A 431 -24.13 -28.88 -5.00
C ALA A 431 -24.23 -30.34 -5.43
N ALA A 432 -23.63 -31.22 -4.63
CA ALA A 432 -23.66 -32.65 -4.93
C ALA A 432 -25.07 -33.20 -4.74
N GLU A 433 -25.79 -32.66 -3.77
CA GLU A 433 -27.19 -33.03 -3.53
C GLU A 433 -28.00 -32.90 -4.81
N LYS A 434 -27.92 -31.73 -5.45
CA LYS A 434 -28.65 -31.46 -6.67
C LYS A 434 -28.32 -32.45 -7.79
N LEU A 435 -27.27 -33.23 -7.60
CA LEU A 435 -26.86 -34.21 -8.59
C LEU A 435 -27.03 -35.64 -8.07
N GLY A 436 -27.39 -35.78 -6.79
CA GLY A 436 -27.53 -37.09 -6.16
C GLY A 436 -26.20 -37.78 -5.97
N GLU A 437 -25.13 -36.99 -5.99
CA GLU A 437 -23.77 -37.52 -5.95
C GLU A 437 -23.14 -37.37 -4.57
N THR A 438 -23.96 -37.07 -3.57
CA THR A 438 -23.47 -36.87 -2.21
C THR A 438 -22.61 -38.03 -1.73
N GLU A 439 -22.99 -39.25 -2.11
CA GLU A 439 -22.25 -40.43 -1.69
C GLU A 439 -20.81 -40.42 -2.20
N LYS A 440 -20.62 -40.12 -3.48
CA LYS A 440 -19.28 -40.09 -4.07
C LYS A 440 -18.37 -39.08 -3.37
N LEU A 441 -18.96 -37.99 -2.90
CA LEU A 441 -18.20 -36.97 -2.18
C LEU A 441 -17.85 -37.44 -0.78
N SER A 442 -18.82 -38.01 -0.07
CA SER A 442 -18.59 -38.55 1.25
C SER A 442 -17.39 -39.49 1.24
N ILE A 443 -17.35 -40.36 0.24
CA ILE A 443 -16.27 -41.33 0.10
C ILE A 443 -14.94 -40.65 -0.20
N MET A 444 -14.96 -39.74 -1.16
CA MET A 444 -13.76 -38.98 -1.52
C MET A 444 -13.18 -38.33 -0.26
N ILE A 445 -14.07 -37.84 0.61
CA ILE A 445 -13.66 -37.14 1.81
C ILE A 445 -13.12 -38.12 2.86
N GLU A 446 -13.71 -39.30 2.94
CA GLU A 446 -13.26 -40.29 3.91
C GLU A 446 -11.96 -40.94 3.47
N GLU A 447 -11.78 -41.10 2.15
CA GLU A 447 -10.59 -41.76 1.62
C GLU A 447 -9.30 -40.99 1.87
N CYS A 448 -9.39 -39.66 1.90
CA CYS A 448 -8.20 -38.83 2.08
C CYS A 448 -8.01 -38.43 3.54
N GLY A 449 -8.80 -39.04 4.42
CA GLY A 449 -8.67 -38.81 5.85
C GLY A 449 -9.51 -37.66 6.37
N GLY A 450 -10.36 -37.12 5.50
CA GLY A 450 -11.17 -35.97 5.84
C GLY A 450 -12.23 -36.22 6.90
N LEU A 451 -12.81 -37.42 6.87
CA LEU A 451 -13.84 -37.75 7.85
C LEU A 451 -13.25 -37.83 9.26
N ASP A 452 -12.04 -38.37 9.36
CA ASP A 452 -11.33 -38.43 10.62
C ASP A 452 -11.23 -37.04 11.24
N LYS A 453 -10.82 -36.07 10.43
CA LYS A 453 -10.66 -34.70 10.88
C LYS A 453 -11.98 -34.08 11.35
N ILE A 454 -13.02 -34.22 10.53
CA ILE A 454 -14.31 -33.59 10.82
C ILE A 454 -14.94 -34.15 12.09
N GLU A 455 -14.95 -35.48 12.23
CA GLU A 455 -15.53 -36.10 13.41
C GLU A 455 -14.86 -35.53 14.66
N ALA A 456 -13.53 -35.46 14.64
CA ALA A 456 -12.77 -34.90 15.75
C ALA A 456 -13.20 -33.48 16.11
N LEU A 457 -13.64 -32.72 15.11
CA LEU A 457 -14.03 -31.32 15.29
C LEU A 457 -15.38 -31.14 15.99
N GLN A 458 -15.94 -32.23 16.52
CA GLN A 458 -17.16 -32.15 17.29
C GLN A 458 -16.84 -31.81 18.74
N ARG A 459 -15.63 -32.16 19.16
CA ARG A 459 -15.16 -31.81 20.51
C ARG A 459 -14.21 -30.61 20.44
N HIS A 460 -14.35 -29.82 19.37
CA HIS A 460 -13.66 -28.53 19.29
C HIS A 460 -14.43 -27.56 20.17
N GLU A 461 -13.71 -26.63 20.80
CA GLU A 461 -14.30 -25.75 21.81
C GLU A 461 -15.04 -24.54 21.23
N ASN A 462 -14.94 -24.35 19.92
CA ASN A 462 -15.69 -23.28 19.27
C ASN A 462 -17.10 -23.76 18.90
N GLU A 463 -18.09 -22.94 19.22
CA GLU A 463 -19.49 -23.30 18.98
C GLU A 463 -19.80 -23.54 17.52
N SER A 464 -19.41 -22.61 16.66
CA SER A 464 -19.77 -22.68 15.25
C SER A 464 -19.21 -23.89 14.52
N VAL A 465 -17.97 -24.27 14.82
CA VAL A 465 -17.39 -25.46 14.20
C VAL A 465 -18.00 -26.73 14.78
N TYR A 466 -18.39 -26.66 16.06
CA TYR A 466 -19.14 -27.73 16.71
C TYR A 466 -20.37 -28.07 15.88
N LYS A 467 -21.19 -27.06 15.61
CA LYS A 467 -22.43 -27.23 14.87
C LYS A 467 -22.19 -27.71 13.44
N ALA A 468 -21.33 -27.00 12.71
CA ALA A 468 -21.05 -27.33 11.32
C ALA A 468 -20.55 -28.76 11.18
N SER A 469 -19.70 -29.18 12.12
CA SER A 469 -19.15 -30.53 12.13
C SER A 469 -20.24 -31.59 12.27
N LEU A 470 -20.90 -31.60 13.42
CA LEU A 470 -21.98 -32.55 13.69
C LEU A 470 -23.01 -32.58 12.55
N ASN A 471 -23.39 -31.40 12.08
CA ASN A 471 -24.33 -31.28 10.96
C ASN A 471 -23.87 -32.01 9.69
N LEU A 472 -22.58 -31.94 9.39
CA LEU A 472 -22.03 -32.63 8.22
C LEU A 472 -22.08 -34.14 8.45
N ILE A 473 -21.68 -34.57 9.64
CA ILE A 473 -21.76 -35.97 10.01
C ILE A 473 -23.21 -36.45 9.89
N GLU A 474 -24.08 -35.81 10.66
CA GLU A 474 -25.51 -36.10 10.67
C GLU A 474 -26.08 -36.29 9.26
N LYS A 475 -25.70 -35.39 8.35
CA LYS A 475 -26.31 -35.37 7.02
C LYS A 475 -25.69 -36.33 6.00
N TYR A 476 -24.37 -36.51 6.05
CA TYR A 476 -23.68 -37.25 4.98
C TYR A 476 -22.82 -38.42 5.46
N PHE A 477 -22.55 -38.48 6.76
CA PHE A 477 -21.72 -39.55 7.30
C PHE A 477 -22.38 -40.28 8.47
N MET B 3 -19.75 -10.96 -0.86
CA MET B 3 -18.82 -11.54 0.11
C MET B 3 -17.41 -10.91 0.08
N SER B 4 -17.30 -9.70 -0.47
CA SER B 4 -15.99 -9.03 -0.58
C SER B 4 -15.42 -8.65 0.77
N ARG B 5 -14.12 -8.84 0.93
CA ARG B 5 -13.46 -8.50 2.19
C ARG B 5 -12.43 -7.40 1.97
N ARG B 6 -12.66 -6.24 2.56
CA ARG B 6 -11.70 -5.15 2.47
C ARG B 6 -10.52 -5.42 3.39
N ARG B 7 -9.49 -4.59 3.28
CA ARG B 7 -8.32 -4.76 4.13
C ARG B 7 -8.65 -4.61 5.61
N HIS B 8 -8.14 -5.52 6.43
CA HIS B 8 -8.33 -5.45 7.86
C HIS B 8 -7.74 -4.17 8.44
N SER B 9 -8.47 -3.56 9.36
CA SER B 9 -8.06 -2.30 9.95
C SER B 9 -6.72 -2.38 10.69
N ASP B 10 -6.35 -3.58 11.12
CA ASP B 10 -5.12 -3.77 11.88
C ASP B 10 -3.85 -3.91 11.02
N GLU B 11 -4.00 -3.96 9.71
CA GLU B 11 -2.84 -4.07 8.83
C GLU B 11 -2.40 -2.68 8.35
N ASN B 12 -1.10 -2.54 8.06
CA ASN B 12 -0.58 -1.27 7.56
C ASN B 12 -0.88 -1.10 6.07
N ASP B 13 -0.43 0.00 5.48
CA ASP B 13 -0.75 0.29 4.09
C ASP B 13 0.30 -0.21 3.11
N GLY B 14 1.20 -1.07 3.59
CA GLY B 14 2.13 -1.74 2.70
C GLY B 14 3.60 -1.66 3.08
N GLY B 15 3.91 -0.95 4.16
CA GLY B 15 5.27 -0.95 4.70
C GLY B 15 6.24 0.09 4.18
N GLN B 16 5.81 0.94 3.25
CA GLN B 16 6.69 1.98 2.72
C GLN B 16 7.04 3.00 3.80
N PRO B 17 8.28 3.50 3.79
CA PRO B 17 8.68 4.54 4.74
C PRO B 17 7.74 5.73 4.67
N HIS B 18 7.38 6.28 5.83
CA HIS B 18 6.55 7.48 5.87
C HIS B 18 7.36 8.77 5.69
N LYS B 19 8.63 8.70 6.08
CA LYS B 19 9.50 9.87 6.06
C LYS B 19 10.87 9.46 5.58
N ARG B 20 11.64 10.42 5.09
CA ARG B 20 12.98 10.15 4.56
C ARG B 20 13.96 11.20 5.07
N ARG B 21 15.09 10.76 5.59
CA ARG B 21 16.14 11.67 6.03
C ARG B 21 17.18 11.80 4.93
N LYS B 22 17.61 13.03 4.63
CA LYS B 22 18.58 13.26 3.56
C LYS B 22 20.00 13.19 4.13
N THR B 23 20.75 12.16 3.72
CA THR B 23 22.07 11.92 4.27
C THR B 23 23.20 12.21 3.29
N SER B 24 22.85 12.56 2.06
CA SER B 24 23.87 12.91 1.06
C SER B 24 23.32 13.88 0.03
N ASP B 25 24.20 14.57 -0.67
CA ASP B 25 23.79 15.49 -1.74
C ASP B 25 24.31 15.04 -3.10
#